data_6ZK7
#
_entry.id   6ZK7
#
_cell.length_a   101.230
_cell.length_b   101.230
_cell.length_c   143.450
_cell.angle_alpha   90.000
_cell.angle_beta   90.000
_cell.angle_gamma   120.000
#
_symmetry.space_group_name_H-M   'P 31 1 2'
#
loop_
_entity.id
_entity.type
_entity.pdbx_description
1 polymer 'Pyridine nucleotide-disulfide oxidoreductase domain-containing protein 1'
2 non-polymer 'FLAVIN-ADENINE DINUCLEOTIDE'
#
_entity_poly.entity_id   1
_entity_poly.type   'polypeptide(L)'
_entity_poly.pdbx_seq_one_letter_code
;GPLGS(MSE)EAARPPPTAGKFVVVGGGIAGVTCAEQLATHFPSEDILLVTASPVIKAVTNFKQISKILEEFDVEEQSST
(MSE)LGKRFPNIKVIESGVKQLKSEEHCIVTEDGNQHVYKKLCLCAGAKPKLICEGNPYVLGIRDTDSAQEFQKQLTKA
KRI(MSE)IIGNGGIALELVYEIEGCEVIWAIKDKAIGNTFFDAGAAEFLTSKLIAEKSEAKIAHKRTRYTTEGRKKEAR
SKSKADNVGSALGPDWHEGLNLKGTKEFSHKIHLET(MSE)CEVKKIYLQDEFRILKKKSFTFPRDHKSVTADTE(MSE)
WPVYVELTNEKIYGCDFIVSATGVTPNVEPFLHGNSFDLGEDGGLKVDDH(MSE)HTSLPDIYAAGDICTTSWQLSPVWQ
Q(MSE)RLWTQARQ(MSE)GWYAAKC(MSE)AAASSGDSID(MSE)DFSFELFAHVTKFFNYKVVLLGKYNAQGLGSDHE
L(MSE)LRCTKGREYIKVV(MSE)QNGR(MSE)(MSE)GAVLIGETDLEETFENLILNQ(MSE)NLSSYGEDLLDPNIDI
EDYFD
;
_entity_poly.pdbx_strand_id   AAAA
#
# COMPACT_ATOMS: atom_id res chain seq x y z
N GLY A 16 13.62 -19.28 -25.13
CA GLY A 16 12.79 -18.22 -24.59
C GLY A 16 13.57 -17.12 -23.91
N LYS A 17 12.97 -15.92 -23.86
CA LYS A 17 13.63 -14.76 -23.28
C LYS A 17 13.33 -14.67 -21.78
N PHE A 18 13.94 -13.68 -21.12
CA PHE A 18 13.52 -13.28 -19.78
C PHE A 18 12.30 -12.37 -19.93
N VAL A 19 11.20 -12.73 -19.30
CA VAL A 19 9.96 -11.98 -19.40
C VAL A 19 9.59 -11.45 -18.02
N VAL A 20 9.31 -10.15 -17.94
CA VAL A 20 8.87 -9.51 -16.71
C VAL A 20 7.53 -8.84 -16.99
N VAL A 21 6.53 -9.13 -16.14
CA VAL A 21 5.17 -8.63 -16.30
C VAL A 21 4.91 -7.54 -15.28
N GLY A 22 4.39 -6.42 -15.72
CA GLY A 22 4.10 -5.31 -14.83
C GLY A 22 5.03 -4.12 -14.98
N GLY A 23 4.48 -2.97 -15.37
CA GLY A 23 5.25 -1.75 -15.44
C GLY A 23 5.33 -1.03 -14.12
N GLY A 24 5.22 -1.78 -13.02
CA GLY A 24 5.24 -1.22 -11.69
C GLY A 24 6.64 -1.09 -11.14
N ILE A 25 6.72 -0.81 -9.83
CA ILE A 25 8.00 -0.63 -9.18
C ILE A 25 8.80 -1.93 -9.18
N ALA A 26 8.17 -3.03 -8.73
CA ALA A 26 8.88 -4.30 -8.66
C ALA A 26 9.26 -4.79 -10.06
N GLY A 27 8.34 -4.68 -11.01
CA GLY A 27 8.63 -5.14 -12.36
C GLY A 27 9.75 -4.35 -13.02
N VAL A 28 9.72 -3.02 -12.89
CA VAL A 28 10.76 -2.20 -13.50
C VAL A 28 12.11 -2.44 -12.83
N THR A 29 12.12 -2.54 -11.49
CA THR A 29 13.36 -2.85 -10.79
C THR A 29 13.94 -4.18 -11.26
N CYS A 30 13.08 -5.20 -11.35
CA CYS A 30 13.53 -6.51 -11.80
C CYS A 30 14.07 -6.45 -13.22
N ALA A 31 13.38 -5.74 -14.12
CA ALA A 31 13.81 -5.66 -15.51
C ALA A 31 15.16 -4.94 -15.62
N GLU A 32 15.33 -3.83 -14.90
CA GLU A 32 16.59 -3.11 -14.93
C GLU A 32 17.73 -3.96 -14.38
N GLN A 33 17.48 -4.69 -13.29
CA GLN A 33 18.53 -5.54 -12.74
C GLN A 33 18.89 -6.68 -13.69
N LEU A 34 17.88 -7.24 -14.36
CA LEU A 34 18.12 -8.30 -15.35
C LEU A 34 18.95 -7.77 -16.51
N ALA A 35 18.63 -6.57 -17.00
CA ALA A 35 19.42 -5.96 -18.07
C ALA A 35 20.85 -5.73 -17.62
N THR A 36 21.04 -5.24 -16.39
CA THR A 36 22.39 -5.05 -15.86
C THR A 36 23.11 -6.37 -15.63
N HIS A 37 22.38 -7.49 -15.54
CA HIS A 37 23.01 -8.79 -15.38
C HIS A 37 23.28 -9.49 -16.70
N PHE A 38 22.44 -9.26 -17.72
CA PHE A 38 22.60 -9.89 -19.03
C PHE A 38 22.48 -8.84 -20.12
N PRO A 39 23.50 -8.00 -20.30
CA PRO A 39 23.40 -6.91 -21.28
C PRO A 39 23.18 -7.38 -22.71
N SER A 40 23.81 -8.49 -23.13
CA SER A 40 23.65 -8.96 -24.49
C SER A 40 22.29 -9.60 -24.72
N GLU A 41 21.71 -10.23 -23.69
CA GLU A 41 20.37 -10.78 -23.82
C GLU A 41 19.33 -9.67 -23.88
N ASP A 42 18.18 -10.00 -24.45
CA ASP A 42 17.02 -9.12 -24.43
C ASP A 42 16.09 -9.53 -23.30
N ILE A 43 15.64 -8.55 -22.52
CA ILE A 43 14.69 -8.79 -21.43
C ILE A 43 13.37 -8.14 -21.81
N LEU A 44 12.31 -8.95 -21.85
CA LEU A 44 10.99 -8.43 -22.20
C LEU A 44 10.30 -7.87 -20.98
N LEU A 45 9.66 -6.71 -21.16
CA LEU A 45 8.89 -6.06 -20.10
C LEU A 45 7.47 -5.86 -20.62
N VAL A 46 6.58 -6.77 -20.26
CA VAL A 46 5.17 -6.66 -20.64
C VAL A 46 4.48 -5.72 -19.68
N THR A 47 3.77 -4.73 -20.22
CA THR A 47 3.11 -3.71 -19.42
C THR A 47 1.66 -3.58 -19.88
N ALA A 48 0.84 -3.00 -19.00
CA ALA A 48 -0.57 -2.75 -19.30
C ALA A 48 -0.90 -1.26 -19.35
N SER A 49 0.11 -0.40 -19.36
CA SER A 49 -0.09 1.05 -19.40
C SER A 49 1.09 1.69 -20.10
N PRO A 50 0.89 2.83 -20.77
CA PRO A 50 2.03 3.56 -21.35
C PRO A 50 2.90 4.25 -20.30
N VAL A 51 2.52 4.22 -19.03
CA VAL A 51 3.28 4.85 -17.96
C VAL A 51 4.17 3.81 -17.30
N ILE A 52 5.40 4.20 -16.98
CA ILE A 52 6.35 3.34 -16.29
C ILE A 52 6.83 4.09 -15.06
N LYS A 53 6.50 3.57 -13.87
CA LYS A 53 6.91 4.25 -12.65
C LYS A 53 8.39 3.99 -12.38
N ALA A 54 9.14 5.05 -12.14
CA ALA A 54 10.58 4.98 -11.92
C ALA A 54 10.91 5.55 -10.55
N VAL A 55 11.97 5.00 -9.95
CA VAL A 55 12.44 5.45 -8.64
C VAL A 55 13.45 6.57 -8.85
N THR A 56 13.21 7.70 -8.18
CA THR A 56 14.03 8.89 -8.35
C THR A 56 14.50 9.38 -6.98
N ASN A 57 15.73 9.91 -6.97
CA ASN A 57 16.35 10.48 -5.77
C ASN A 57 16.42 9.45 -4.65
N PHE A 58 17.09 8.34 -4.93
CA PHE A 58 17.29 7.32 -3.91
C PHE A 58 18.14 7.88 -2.78
N LYS A 59 17.66 7.69 -1.55
CA LYS A 59 18.37 8.12 -0.36
C LYS A 59 18.64 6.89 0.51
N GLN A 60 19.92 6.64 0.78
CA GLN A 60 20.29 5.65 1.78
C GLN A 60 20.49 6.36 3.11
N ILE A 61 19.73 5.92 4.12
CA ILE A 61 19.78 6.53 5.44
C ILE A 61 20.53 5.66 6.44
N SER A 62 20.41 4.34 6.34
CA SER A 62 21.20 3.40 7.13
C SER A 62 21.21 2.09 6.37
N LYS A 63 21.65 1.02 7.06
CA LYS A 63 21.67 -0.29 6.43
C LYS A 63 20.27 -0.82 6.12
N ILE A 64 19.25 -0.28 6.76
CA ILE A 64 17.86 -0.68 6.55
C ILE A 64 17.02 0.48 6.04
N LEU A 65 17.16 1.66 6.65
CA LEU A 65 16.36 2.81 6.25
C LEU A 65 16.75 3.26 4.85
N GLU A 66 15.73 3.51 4.02
CA GLU A 66 15.95 4.01 2.67
C GLU A 66 14.75 4.86 2.26
N GLU A 67 15.02 5.92 1.51
CA GLU A 67 13.97 6.84 1.07
C GLU A 67 14.21 7.21 -0.39
N PHE A 68 13.12 7.52 -1.08
CA PHE A 68 13.14 7.94 -2.48
C PHE A 68 11.74 8.42 -2.83
N ASP A 69 11.60 8.92 -4.07
CA ASP A 69 10.29 9.28 -4.59
C ASP A 69 10.06 8.55 -5.90
N VAL A 70 8.85 8.70 -6.46
CA VAL A 70 8.43 7.92 -7.62
C VAL A 70 7.98 8.89 -8.71
N GLU A 71 8.71 8.92 -9.81
CA GLU A 71 8.32 9.67 -10.99
C GLU A 71 7.74 8.73 -12.03
N GLU A 72 7.32 9.29 -13.17
CA GLU A 72 6.70 8.51 -14.24
C GLU A 72 7.42 8.80 -15.55
N GLN A 73 7.93 7.75 -16.19
CA GLN A 73 8.56 7.82 -17.50
C GLN A 73 7.64 7.21 -18.56
N SER A 74 7.99 7.47 -19.82
CA SER A 74 7.46 6.70 -20.92
C SER A 74 8.35 5.47 -21.12
N SER A 75 7.97 4.64 -22.09
CA SER A 75 8.79 3.47 -22.41
C SER A 75 10.13 3.87 -22.99
N THR A 76 10.15 4.86 -23.87
CA THR A 76 11.38 5.26 -24.54
C THR A 76 12.39 5.86 -23.57
N LEU A 78 12.97 4.75 -20.54
CA LEU A 78 13.68 3.58 -20.04
C LEU A 78 14.57 2.97 -21.11
N GLY A 79 14.08 2.91 -22.35
CA GLY A 79 14.88 2.33 -23.43
C GLY A 79 16.15 3.11 -23.71
N LYS A 80 16.12 4.42 -23.49
CA LYS A 80 17.31 5.25 -23.70
C LYS A 80 18.43 4.86 -22.75
N ARG A 81 18.09 4.54 -21.50
CA ARG A 81 19.08 4.10 -20.52
C ARG A 81 19.28 2.59 -20.49
N PHE A 82 18.34 1.83 -21.05
CA PHE A 82 18.43 0.37 -21.08
C PHE A 82 17.94 -0.12 -22.44
N PRO A 83 18.85 -0.35 -23.40
CA PRO A 83 18.42 -0.68 -24.76
C PRO A 83 17.96 -2.12 -24.93
N ASN A 84 18.50 -3.04 -24.13
CA ASN A 84 18.14 -4.44 -24.26
C ASN A 84 16.80 -4.76 -23.60
N ILE A 85 16.17 -3.78 -22.95
CA ILE A 85 14.81 -3.93 -22.44
C ILE A 85 13.86 -3.51 -23.55
N LYS A 86 13.13 -4.48 -24.11
CA LYS A 86 12.10 -4.21 -25.10
C LYS A 86 10.73 -4.35 -24.43
N VAL A 87 9.94 -3.30 -24.48
CA VAL A 87 8.68 -3.20 -23.76
C VAL A 87 7.54 -3.57 -24.70
N ILE A 88 6.70 -4.49 -24.27
CA ILE A 88 5.48 -4.86 -24.99
C ILE A 88 4.31 -4.23 -24.24
N GLU A 89 3.66 -3.25 -24.88
CA GLU A 89 2.53 -2.57 -24.25
C GLU A 89 1.23 -3.28 -24.64
N SER A 90 1.05 -4.45 -24.04
CA SER A 90 -0.16 -5.25 -24.24
C SER A 90 -0.27 -6.16 -23.03
N GLY A 91 -1.27 -5.92 -22.18
CA GLY A 91 -1.34 -6.62 -20.92
C GLY A 91 -1.50 -8.12 -21.11
N VAL A 92 -0.93 -8.88 -20.18
CA VAL A 92 -1.02 -10.33 -20.22
C VAL A 92 -2.44 -10.76 -19.91
N LYS A 93 -3.00 -11.62 -20.77
CA LYS A 93 -4.33 -12.14 -20.57
C LYS A 93 -4.36 -13.62 -20.19
N GLN A 94 -3.27 -14.35 -20.43
CA GLN A 94 -3.26 -15.77 -20.11
C GLN A 94 -1.81 -16.23 -19.90
N LEU A 95 -1.64 -17.22 -19.02
CA LEU A 95 -0.33 -17.81 -18.75
C LEU A 95 -0.44 -19.32 -18.92
N LYS A 96 0.25 -19.85 -19.92
CA LYS A 96 0.35 -21.30 -20.10
C LYS A 96 1.71 -21.70 -19.52
N SER A 97 1.72 -21.99 -18.22
CA SER A 97 2.96 -22.31 -17.54
C SER A 97 3.50 -23.67 -17.97
N GLU A 98 2.62 -24.62 -18.30
CA GLU A 98 3.06 -25.91 -18.83
C GLU A 98 3.77 -25.72 -20.16
N GLU A 99 3.19 -24.92 -21.05
CA GLU A 99 3.78 -24.64 -22.34
C GLU A 99 4.79 -23.51 -22.28
N HIS A 100 5.11 -23.03 -21.08
CA HIS A 100 6.20 -22.08 -20.84
C HIS A 100 6.04 -20.81 -21.68
N CYS A 101 4.84 -20.24 -21.68
CA CYS A 101 4.60 -19.03 -22.44
C CYS A 101 3.45 -18.24 -21.83
N ILE A 102 3.31 -16.99 -22.28
CA ILE A 102 2.22 -16.12 -21.89
C ILE A 102 1.60 -15.54 -23.15
N VAL A 103 0.29 -15.33 -23.11
CA VAL A 103 -0.46 -14.72 -24.20
C VAL A 103 -1.05 -13.40 -23.71
N THR A 104 -0.93 -12.37 -24.52
CA THR A 104 -1.31 -11.01 -24.15
C THR A 104 -2.48 -10.52 -25.00
N GLU A 105 -2.96 -9.32 -24.66
CA GLU A 105 -4.23 -8.83 -25.19
C GLU A 105 -4.23 -8.70 -26.70
N ASP A 106 -3.07 -8.42 -27.31
CA ASP A 106 -3.01 -8.30 -28.77
C ASP A 106 -3.29 -9.62 -29.47
N GLY A 107 -3.22 -10.74 -28.75
CA GLY A 107 -3.37 -12.05 -29.32
C GLY A 107 -2.06 -12.79 -29.54
N ASN A 108 -0.93 -12.18 -29.22
CA ASN A 108 0.38 -12.76 -29.45
C ASN A 108 0.82 -13.62 -28.28
N GLN A 109 1.76 -14.52 -28.57
CA GLN A 109 2.35 -15.40 -27.57
C GLN A 109 3.83 -15.07 -27.41
N HIS A 110 4.34 -15.27 -26.20
CA HIS A 110 5.75 -15.05 -25.91
C HIS A 110 6.21 -16.15 -24.96
N VAL A 111 7.23 -16.90 -25.36
CA VAL A 111 7.79 -17.94 -24.51
C VAL A 111 8.82 -17.32 -23.59
N TYR A 112 9.01 -17.93 -22.42
CA TYR A 112 9.95 -17.44 -21.43
C TYR A 112 10.81 -18.59 -20.93
N LYS A 113 12.05 -18.28 -20.61
CA LYS A 113 12.89 -19.22 -19.88
C LYS A 113 12.75 -19.04 -18.37
N LYS A 114 12.53 -17.80 -17.92
CA LYS A 114 12.18 -17.51 -16.53
C LYS A 114 11.28 -16.29 -16.53
N LEU A 115 10.14 -16.40 -15.85
CA LEU A 115 9.13 -15.36 -15.81
C LEU A 115 9.10 -14.74 -14.41
N CYS A 116 8.87 -13.43 -14.37
CA CYS A 116 8.69 -12.71 -13.10
C CYS A 116 7.39 -11.93 -13.18
N LEU A 117 6.49 -12.17 -12.24
CA LEU A 117 5.16 -11.57 -12.23
C LEU A 117 5.13 -10.42 -11.23
N CYS A 118 4.82 -9.22 -11.71
CA CYS A 118 4.74 -8.03 -10.87
C CYS A 118 3.53 -7.19 -11.27
N ALA A 119 2.39 -7.86 -11.48
CA ALA A 119 1.17 -7.17 -11.87
C ALA A 119 0.55 -6.34 -10.75
N GLY A 120 1.12 -6.40 -9.54
CA GLY A 120 0.61 -5.58 -8.45
C GLY A 120 -0.74 -6.06 -7.95
N ALA A 121 -1.54 -5.11 -7.47
CA ALA A 121 -2.82 -5.41 -6.86
C ALA A 121 -3.85 -4.37 -7.28
N LYS A 122 -5.05 -4.85 -7.58
CA LYS A 122 -6.17 -4.07 -8.12
C LYS A 122 -7.12 -3.64 -7.01
N PRO A 123 -7.92 -2.59 -7.25
CA PRO A 123 -8.85 -2.12 -6.22
C PRO A 123 -10.16 -2.89 -6.18
N LYS A 124 -11.09 -2.42 -5.36
CA LYS A 124 -12.43 -2.98 -5.27
C LYS A 124 -13.40 -1.98 -5.88
N LEU A 125 -14.01 -2.35 -7.00
CA LEU A 125 -14.90 -1.44 -7.73
C LEU A 125 -16.30 -2.01 -7.85
N GLU A 128 -22.58 2.10 -10.17
CA GLU A 128 -22.56 2.37 -8.73
C GLU A 128 -22.14 3.81 -8.46
N GLY A 129 -22.94 4.76 -8.93
CA GLY A 129 -22.61 6.17 -8.75
C GLY A 129 -21.30 6.58 -9.39
N ASN A 130 -20.98 6.01 -10.55
CA ASN A 130 -19.68 6.25 -11.17
C ASN A 130 -19.32 7.72 -11.38
N PRO A 131 -20.22 8.60 -11.83
CA PRO A 131 -19.81 10.00 -12.06
C PRO A 131 -19.27 10.68 -10.81
N TYR A 132 -19.75 10.34 -9.63
CA TYR A 132 -19.42 11.09 -8.42
C TYR A 132 -18.52 10.33 -7.45
N VAL A 133 -18.29 9.04 -7.64
CA VAL A 133 -17.31 8.34 -6.81
C VAL A 133 -15.94 8.53 -7.42
N LEU A 134 -15.00 9.03 -6.60
CA LEU A 134 -13.66 9.37 -7.06
C LEU A 134 -12.65 8.46 -6.41
N GLY A 135 -11.82 7.81 -7.22
CA GLY A 135 -10.79 6.95 -6.70
C GLY A 135 -9.50 7.70 -6.39
N ILE A 136 -8.67 7.07 -5.56
CA ILE A 136 -7.37 7.61 -5.20
C ILE A 136 -6.30 6.60 -5.53
N ARG A 137 -5.09 7.08 -5.77
CA ARG A 137 -3.96 6.23 -6.11
C ARG A 137 -2.74 6.70 -5.35
N ASP A 138 -1.62 5.99 -5.52
CA ASP A 138 -0.41 6.30 -4.78
C ASP A 138 0.32 7.54 -5.30
N THR A 139 -0.16 8.16 -6.38
CA THR A 139 0.41 9.39 -6.89
C THR A 139 -0.31 10.64 -6.40
N ASP A 140 -1.38 10.47 -5.62
CA ASP A 140 -2.17 11.61 -5.15
C ASP A 140 -1.59 12.17 -3.86
N SER A 141 -1.64 13.49 -3.75
CA SER A 141 -1.27 14.20 -2.53
C SER A 141 -2.49 14.92 -1.98
N ALA A 142 -2.47 15.19 -0.68
CA ALA A 142 -3.65 15.75 -0.02
C ALA A 142 -4.07 17.07 -0.65
N GLN A 143 -3.12 17.99 -0.83
CA GLN A 143 -3.45 19.29 -1.40
C GLN A 143 -3.89 19.16 -2.86
N GLU A 144 -3.18 18.35 -3.64
CA GLU A 144 -3.50 18.21 -5.06
C GLU A 144 -4.90 17.62 -5.25
N PHE A 145 -5.25 16.61 -4.45
CA PHE A 145 -6.57 16.02 -4.55
C PHE A 145 -7.63 17.00 -4.04
N GLN A 146 -7.36 17.66 -2.92
CA GLN A 146 -8.30 18.60 -2.33
C GLN A 146 -8.58 19.80 -3.24
N LYS A 147 -7.65 20.12 -4.15
CA LYS A 147 -7.81 21.28 -5.02
C LYS A 147 -9.11 21.24 -5.81
N GLN A 148 -9.59 20.06 -6.17
CA GLN A 148 -10.83 19.95 -6.94
C GLN A 148 -12.07 19.96 -6.04
N LEU A 149 -11.93 19.69 -4.75
CA LEU A 149 -13.05 19.59 -3.83
C LEU A 149 -13.40 20.93 -3.18
N THR A 150 -12.95 22.05 -3.76
CA THR A 150 -13.21 23.36 -3.15
C THR A 150 -14.70 23.70 -3.19
N LYS A 151 -15.34 23.54 -4.34
CA LYS A 151 -16.74 23.88 -4.50
C LYS A 151 -17.61 22.64 -4.31
N ALA A 152 -17.61 22.16 -3.06
CA ALA A 152 -18.41 21.00 -2.69
C ALA A 152 -18.86 21.16 -1.24
N LYS A 153 -20.14 20.84 -1.00
CA LYS A 153 -20.75 21.12 0.30
C LYS A 153 -20.54 20.02 1.32
N ARG A 154 -20.37 18.76 0.90
CA ARG A 154 -20.25 17.66 1.84
C ARG A 154 -19.58 16.49 1.14
N ILE A 155 -18.58 15.90 1.78
CA ILE A 155 -17.76 14.85 1.20
C ILE A 155 -17.84 13.61 2.08
N ILE A 157 -15.87 10.07 2.70
CA ILE A 157 -14.63 9.35 2.46
C ILE A 157 -14.77 7.96 3.08
N ILE A 158 -14.54 6.93 2.27
CA ILE A 158 -14.75 5.55 2.67
C ILE A 158 -13.40 4.87 2.77
N GLY A 159 -13.12 4.25 3.92
CA GLY A 159 -11.87 3.57 4.14
C GLY A 159 -10.77 4.51 4.61
N ASN A 160 -9.64 3.92 4.98
CA ASN A 160 -8.49 4.65 5.49
C ASN A 160 -7.28 4.56 4.58
N GLY A 161 -7.47 4.16 3.33
CA GLY A 161 -6.37 3.95 2.41
C GLY A 161 -5.56 5.19 2.09
N GLY A 162 -4.26 5.13 2.39
CA GLY A 162 -3.32 6.17 2.02
C GLY A 162 -3.66 7.57 2.49
N ILE A 163 -4.01 8.45 1.54
CA ILE A 163 -4.20 9.86 1.83
C ILE A 163 -5.43 10.12 2.68
N ALA A 164 -6.33 9.13 2.79
CA ALA A 164 -7.63 9.31 3.44
C ALA A 164 -7.53 10.06 4.76
N LEU A 165 -6.76 9.52 5.71
CA LEU A 165 -6.55 10.20 6.98
C LEU A 165 -6.15 11.65 6.77
N GLU A 166 -5.04 11.87 6.06
CA GLU A 166 -4.57 13.23 5.82
C GLU A 166 -5.66 14.08 5.21
N LEU A 167 -6.48 13.49 4.34
CA LEU A 167 -7.50 14.27 3.65
C LEU A 167 -8.66 14.61 4.57
N VAL A 168 -9.01 13.69 5.48
CA VAL A 168 -10.21 13.89 6.29
C VAL A 168 -10.05 15.12 7.19
N TYR A 169 -8.92 15.21 7.88
CA TYR A 169 -8.66 16.32 8.79
C TYR A 169 -8.07 17.54 8.09
N GLU A 170 -7.90 17.48 6.77
CA GLU A 170 -7.33 18.58 6.00
C GLU A 170 -8.40 19.55 5.48
N ILE A 171 -9.43 19.02 4.82
CA ILE A 171 -10.37 19.86 4.10
C ILE A 171 -11.21 20.65 5.10
N GLU A 172 -10.89 21.94 5.25
CA GLU A 172 -11.59 22.83 6.16
C GLU A 172 -12.86 23.38 5.54
N GLY A 173 -13.06 23.19 4.24
CA GLY A 173 -14.13 23.90 3.55
C GLY A 173 -15.53 23.46 3.98
N CYS A 174 -15.74 22.16 4.14
CA CYS A 174 -17.10 21.64 4.25
C CYS A 174 -17.13 20.46 5.20
N GLU A 175 -18.25 19.72 5.16
CA GLU A 175 -18.48 18.61 6.08
C GLU A 175 -17.84 17.34 5.54
N VAL A 176 -17.11 16.64 6.39
CA VAL A 176 -16.52 15.34 6.07
C VAL A 176 -17.29 14.27 6.83
N ILE A 177 -17.69 13.21 6.12
CA ILE A 177 -18.28 12.03 6.74
C ILE A 177 -17.38 10.85 6.39
N TRP A 178 -16.76 10.26 7.41
CA TRP A 178 -15.73 9.26 7.22
C TRP A 178 -16.28 7.91 7.67
N ALA A 179 -16.55 7.02 6.72
CA ALA A 179 -17.10 5.70 6.99
C ALA A 179 -15.98 4.68 6.97
N ILE A 180 -15.79 3.96 8.08
CA ILE A 180 -14.70 3.00 8.22
C ILE A 180 -15.24 1.67 8.69
N LYS A 181 -14.53 0.60 8.34
CA LYS A 181 -14.82 -0.72 8.90
C LYS A 181 -14.34 -0.85 10.34
N ASP A 182 -13.33 -0.06 10.72
CA ASP A 182 -12.71 -0.17 12.02
C ASP A 182 -13.63 0.40 13.10
N LYS A 183 -13.16 0.35 14.35
CA LYS A 183 -13.90 0.90 15.47
C LYS A 183 -13.56 2.36 15.74
N ALA A 184 -12.29 2.72 15.65
CA ALA A 184 -11.82 4.07 15.90
C ALA A 184 -10.96 4.53 14.74
N ILE A 185 -10.52 5.79 14.79
CA ILE A 185 -9.76 6.43 13.72
C ILE A 185 -8.40 5.76 13.57
N GLY A 186 -7.74 6.02 12.45
CA GLY A 186 -6.43 5.44 12.19
C GLY A 186 -6.37 4.60 10.93
N ASN A 187 -5.31 4.76 10.16
CA ASN A 187 -5.05 3.96 8.97
C ASN A 187 -4.13 2.81 9.34
N THR A 188 -3.61 2.13 8.31
CA THR A 188 -2.73 0.99 8.55
C THR A 188 -1.46 1.37 9.31
N PHE A 189 -1.10 2.65 9.32
CA PHE A 189 0.14 3.08 9.96
C PHE A 189 -0.04 3.40 11.43
N PHE A 190 -1.11 4.10 11.81
CA PHE A 190 -1.26 4.63 13.15
C PHE A 190 -2.49 4.04 13.81
N ASP A 191 -2.33 3.63 15.07
CA ASP A 191 -3.48 3.31 15.90
C ASP A 191 -4.21 4.60 16.30
N ALA A 192 -5.27 4.46 17.08
CA ALA A 192 -6.06 5.61 17.48
C ALA A 192 -5.25 6.62 18.26
N GLY A 193 -4.31 6.15 19.08
CA GLY A 193 -3.49 7.07 19.86
C GLY A 193 -2.60 7.97 19.01
N ALA A 194 -1.85 7.36 18.09
CA ALA A 194 -0.98 8.16 17.21
C ALA A 194 -1.80 9.03 16.27
N ALA A 195 -2.95 8.54 15.82
CA ALA A 195 -3.83 9.37 14.99
C ALA A 195 -4.33 10.58 15.76
N GLU A 196 -4.68 10.39 17.04
CA GLU A 196 -5.06 11.51 17.88
C GLU A 196 -3.91 12.49 18.05
N PHE A 197 -2.70 11.96 18.25
CA PHE A 197 -1.53 12.83 18.43
C PHE A 197 -1.26 13.66 17.18
N LEU A 198 -1.41 13.06 16.00
CA LEU A 198 -1.06 13.77 14.76
C LEU A 198 -2.01 14.93 14.48
N THR A 199 -3.31 14.76 14.75
CA THR A 199 -4.32 15.74 14.40
C THR A 199 -4.65 16.70 15.54
N SER A 200 -3.79 16.76 16.56
CA SER A 200 -4.08 17.60 17.72
C SER A 200 -4.13 19.07 17.34
N LYS A 201 -3.22 19.52 16.48
CA LYS A 201 -3.20 20.93 16.08
C LYS A 201 -4.45 21.32 15.31
N LEU A 202 -5.05 20.39 14.59
CA LEU A 202 -6.29 20.66 13.86
C LEU A 202 -7.51 20.58 14.78
N SER A 257 -12.13 25.53 11.74
CA SER A 257 -13.02 24.45 12.19
C SER A 257 -13.32 23.48 11.05
N HIS A 258 -13.55 22.22 11.40
CA HIS A 258 -13.87 21.19 10.43
C HIS A 258 -15.06 20.39 10.94
N LYS A 259 -16.12 20.32 10.13
CA LYS A 259 -17.27 19.48 10.44
C LYS A 259 -16.94 18.07 10.00
N ILE A 260 -16.44 17.27 10.93
CA ILE A 260 -15.98 15.91 10.65
C ILE A 260 -16.77 14.94 11.52
N HIS A 261 -17.55 14.07 10.89
CA HIS A 261 -18.31 13.04 11.58
C HIS A 261 -17.78 11.67 11.16
N LEU A 262 -17.63 10.80 12.14
CA LEU A 262 -17.00 9.48 11.95
C LEU A 262 -18.07 8.40 12.11
N GLU A 263 -18.34 7.67 11.03
CA GLU A 263 -19.19 6.49 11.05
C GLU A 263 -18.29 5.26 11.09
N THR A 264 -18.48 4.43 12.11
CA THR A 264 -17.60 3.30 12.36
C THR A 264 -18.31 1.98 12.10
N CYS A 266 -18.73 0.04 9.43
CA CYS A 266 -19.70 0.11 8.34
C CYS A 266 -18.96 0.21 7.01
N GLU A 267 -19.69 -0.11 5.94
CA GLU A 267 -19.22 0.10 4.59
C GLU A 267 -20.44 0.43 3.73
N VAL A 268 -20.19 0.73 2.45
CA VAL A 268 -21.25 1.20 1.57
C VAL A 268 -22.15 0.01 1.23
N LYS A 269 -23.33 -0.03 1.83
CA LYS A 269 -24.31 -1.07 1.48
C LYS A 269 -24.88 -0.83 0.09
N LYS A 270 -25.29 0.40 -0.19
CA LYS A 270 -25.87 0.72 -1.49
C LYS A 270 -25.62 2.18 -1.82
N ILE A 271 -25.65 2.50 -3.10
CA ILE A 271 -25.47 3.86 -3.58
C ILE A 271 -26.60 4.19 -4.53
N TYR A 272 -27.06 5.44 -4.50
CA TYR A 272 -28.07 5.92 -5.43
C TYR A 272 -27.65 7.28 -5.97
N LEU A 273 -28.03 7.55 -7.20
CA LEU A 273 -28.05 8.91 -7.69
C LEU A 273 -29.46 9.46 -7.51
N GLN A 274 -29.55 10.76 -7.23
CA GLN A 274 -30.81 11.32 -6.76
C GLN A 274 -31.96 11.11 -7.73
N ASP A 275 -31.66 10.88 -9.02
CA ASP A 275 -32.71 10.53 -9.97
C ASP A 275 -33.42 9.23 -9.57
N GLU A 276 -32.65 8.19 -9.26
CA GLU A 276 -33.23 6.95 -8.76
C GLU A 276 -33.84 7.15 -7.38
N PHE A 277 -33.14 7.89 -6.51
CA PHE A 277 -33.57 8.01 -5.12
C PHE A 277 -34.93 8.70 -5.00
N ARG A 278 -35.14 9.77 -5.76
CA ARG A 278 -36.41 10.49 -5.66
C ARG A 278 -37.58 9.62 -6.10
N ILE A 279 -37.36 8.76 -7.10
CA ILE A 279 -38.37 7.75 -7.43
C ILE A 279 -38.56 6.81 -6.26
N LEU A 280 -37.46 6.36 -5.64
CA LEU A 280 -37.58 5.46 -4.50
C LEU A 280 -38.22 6.15 -3.29
N LYS A 281 -37.96 7.44 -3.10
CA LYS A 281 -38.61 8.26 -2.08
C LYS A 281 -38.36 7.69 -0.67
N LYS A 282 -37.10 7.71 -0.27
CA LYS A 282 -36.69 7.31 1.07
C LYS A 282 -35.99 8.48 1.76
N LYS A 283 -35.66 8.27 3.03
CA LYS A 283 -35.17 9.34 3.89
C LYS A 283 -33.67 9.59 3.66
N SER A 284 -33.19 10.67 4.28
CA SER A 284 -31.77 11.01 4.32
C SER A 284 -31.53 11.84 5.56
N PHE A 285 -30.41 11.60 6.24
CA PHE A 285 -30.16 12.21 7.53
C PHE A 285 -29.35 13.50 7.39
N THR A 286 -29.34 14.28 8.46
CA THR A 286 -28.55 15.50 8.53
C THR A 286 -27.14 15.20 9.03
N PHE A 287 -26.28 16.20 8.94
CA PHE A 287 -24.98 16.09 9.58
C PHE A 287 -25.19 16.16 11.09
N PRO A 288 -24.79 15.14 11.85
CA PRO A 288 -25.17 15.08 13.27
C PRO A 288 -24.47 16.16 14.08
N ARG A 289 -25.26 17.00 14.75
CA ARG A 289 -24.74 18.03 15.64
C ARG A 289 -24.65 17.53 17.08
N ASP A 290 -25.78 17.15 17.64
CA ASP A 290 -25.91 16.84 19.06
C ASP A 290 -26.32 15.38 19.23
N HIS A 291 -26.40 14.98 20.50
CA HIS A 291 -26.87 13.65 20.88
C HIS A 291 -28.38 13.62 21.07
N LYS A 292 -29.08 14.70 20.73
CA LYS A 292 -30.50 14.81 21.06
C LYS A 292 -31.36 13.89 20.17
N SER A 293 -31.13 13.91 18.87
CA SER A 293 -31.90 13.10 17.93
C SER A 293 -31.24 13.15 16.57
N VAL A 294 -31.81 12.41 15.62
CA VAL A 294 -31.41 12.44 14.22
C VAL A 294 -32.65 12.83 13.41
N THR A 295 -32.53 13.91 12.65
CA THR A 295 -33.61 14.40 11.79
C THR A 295 -33.26 14.12 10.34
N ALA A 296 -34.16 14.53 9.45
CA ALA A 296 -33.99 14.34 8.01
C ALA A 296 -33.41 15.59 7.37
N ASP A 297 -32.77 15.39 6.23
CA ASP A 297 -32.19 16.48 5.46
C ASP A 297 -33.29 17.35 4.85
N THR A 298 -32.91 18.53 4.40
CA THR A 298 -33.81 19.45 3.70
C THR A 298 -33.36 19.74 2.28
N GLU A 299 -32.07 19.96 2.08
CA GLU A 299 -31.54 20.25 0.76
C GLU A 299 -31.28 18.98 -0.02
N TRP A 301 -29.26 16.55 -2.95
CA TRP A 301 -27.87 16.19 -3.12
C TRP A 301 -27.68 15.44 -4.42
N PRO A 302 -26.50 15.51 -5.03
CA PRO A 302 -26.25 14.71 -6.24
C PRO A 302 -26.31 13.21 -5.99
N VAL A 303 -25.64 12.71 -4.96
CA VAL A 303 -25.58 11.28 -4.70
C VAL A 303 -26.02 11.01 -3.28
N TYR A 304 -26.53 9.81 -3.03
CA TYR A 304 -26.93 9.39 -1.69
C TYR A 304 -26.35 8.01 -1.42
N VAL A 305 -25.90 7.80 -0.17
CA VAL A 305 -25.24 6.58 0.22
C VAL A 305 -26.03 5.95 1.36
N GLU A 306 -26.45 4.70 1.18
CA GLU A 306 -27.04 3.90 2.25
C GLU A 306 -25.92 3.05 2.83
N LEU A 307 -25.49 3.41 4.05
CA LEU A 307 -24.36 2.75 4.69
C LEU A 307 -24.78 1.39 5.24
N THR A 308 -23.81 0.67 5.81
CA THR A 308 -24.08 -0.65 6.36
C THR A 308 -25.11 -0.59 7.47
N ASN A 309 -24.95 0.36 8.40
CA ASN A 309 -25.91 0.49 9.50
C ASN A 309 -27.13 1.31 9.11
N GLU A 310 -27.71 1.04 7.93
CA GLU A 310 -29.01 1.56 7.52
C GLU A 310 -29.08 3.09 7.52
N LYS A 311 -27.96 3.75 7.82
CA LYS A 311 -27.90 5.21 7.73
C LYS A 311 -27.73 5.63 6.29
N ILE A 312 -28.46 6.67 5.89
CA ILE A 312 -28.45 7.16 4.52
C ILE A 312 -28.12 8.65 4.54
N TYR A 313 -27.13 9.03 3.75
CA TYR A 313 -26.62 10.40 3.73
C TYR A 313 -26.60 10.94 2.31
N GLY A 314 -26.96 12.21 2.16
CA GLY A 314 -26.74 12.91 0.91
C GLY A 314 -25.31 13.42 0.81
N CYS A 315 -24.84 13.60 -0.42
CA CYS A 315 -23.43 13.89 -0.63
C CYS A 315 -23.20 14.51 -2.00
N ASP A 316 -22.25 15.44 -2.04
CA ASP A 316 -21.78 16.06 -3.28
C ASP A 316 -20.81 15.15 -4.01
N PHE A 317 -19.78 14.66 -3.32
CA PHE A 317 -18.76 13.82 -3.92
C PHE A 317 -18.30 12.76 -2.93
N ILE A 318 -17.90 11.61 -3.45
CA ILE A 318 -17.54 10.45 -2.65
C ILE A 318 -16.10 10.06 -2.97
N VAL A 319 -15.22 10.16 -1.98
CA VAL A 319 -13.84 9.72 -2.12
C VAL A 319 -13.76 8.26 -1.67
N SER A 320 -13.21 7.40 -2.53
CA SER A 320 -13.08 5.98 -2.24
C SER A 320 -11.65 5.66 -1.88
N ALA A 321 -11.44 5.20 -0.64
CA ALA A 321 -10.14 4.74 -0.19
C ALA A 321 -10.26 3.31 0.32
N THR A 322 -10.97 2.47 -0.44
CA THR A 322 -11.32 1.13 -0.01
C THR A 322 -10.09 0.21 -0.11
N GLY A 323 -10.32 -1.08 0.10
CA GLY A 323 -9.25 -2.06 0.12
C GLY A 323 -8.77 -2.42 -1.28
N VAL A 324 -7.89 -3.42 -1.32
CA VAL A 324 -7.19 -3.80 -2.55
C VAL A 324 -6.84 -5.28 -2.46
N THR A 325 -6.99 -5.98 -3.60
CA THR A 325 -6.69 -7.40 -3.68
C THR A 325 -5.65 -7.66 -4.76
N PRO A 326 -4.76 -8.64 -4.56
CA PRO A 326 -3.72 -8.89 -5.57
C PRO A 326 -4.31 -9.19 -6.94
N ASN A 327 -3.71 -8.61 -7.97
CA ASN A 327 -4.18 -8.75 -9.35
C ASN A 327 -3.66 -10.07 -9.92
N VAL A 328 -4.20 -11.17 -9.39
CA VAL A 328 -3.76 -12.51 -9.73
C VAL A 328 -4.68 -13.18 -10.74
N GLU A 329 -5.79 -12.53 -11.12
CA GLU A 329 -6.76 -13.16 -12.01
C GLU A 329 -6.18 -13.59 -13.36
N PRO A 330 -5.42 -12.77 -14.08
CA PRO A 330 -4.99 -13.19 -15.42
C PRO A 330 -4.10 -14.44 -15.44
N PHE A 331 -3.40 -14.72 -14.35
CA PHE A 331 -2.35 -15.74 -14.36
C PHE A 331 -2.76 -17.06 -13.70
N LEU A 332 -4.04 -17.22 -13.37
CA LEU A 332 -4.47 -18.40 -12.61
C LEU A 332 -5.10 -19.49 -13.45
N HIS A 333 -5.79 -19.15 -14.54
CA HIS A 333 -6.46 -20.16 -15.33
C HIS A 333 -5.44 -21.10 -15.99
N GLY A 334 -5.73 -22.40 -15.92
CA GLY A 334 -4.88 -23.41 -16.50
C GLY A 334 -3.68 -23.81 -15.65
N ASN A 335 -3.47 -23.16 -14.51
CA ASN A 335 -2.31 -23.39 -13.67
C ASN A 335 -2.75 -23.80 -12.27
N SER A 336 -1.77 -24.06 -11.41
CA SER A 336 -1.99 -24.58 -10.06
C SER A 336 -1.17 -23.82 -9.04
N PHE A 337 -1.26 -22.48 -9.08
CA PHE A 337 -0.51 -21.66 -8.14
C PHE A 337 -0.96 -21.92 -6.70
N ASP A 338 0.00 -21.92 -5.79
CA ASP A 338 -0.28 -21.98 -4.36
C ASP A 338 -0.48 -20.55 -3.86
N LEU A 339 -1.71 -20.21 -3.52
CA LEU A 339 -2.06 -18.85 -3.13
C LEU A 339 -1.92 -18.67 -1.62
N GLY A 340 -1.55 -17.45 -1.22
CA GLY A 340 -1.57 -17.08 0.17
C GLY A 340 -2.98 -16.81 0.66
N GLU A 341 -3.10 -16.63 1.99
CA GLU A 341 -4.41 -16.38 2.57
C GLU A 341 -5.04 -15.11 2.01
N ASP A 342 -4.23 -14.09 1.75
CA ASP A 342 -4.73 -12.84 1.20
C ASP A 342 -4.99 -12.90 -0.30
N GLY A 343 -4.66 -14.00 -0.96
CA GLY A 343 -4.89 -14.15 -2.38
C GLY A 343 -3.67 -14.01 -3.26
N GLY A 344 -2.54 -13.58 -2.71
CA GLY A 344 -1.34 -13.42 -3.50
C GLY A 344 -0.68 -14.76 -3.82
N LEU A 345 0.35 -14.68 -4.66
CA LEU A 345 1.10 -15.86 -5.06
C LEU A 345 2.17 -16.13 -4.02
N LYS A 346 2.11 -17.31 -3.39
CA LYS A 346 3.12 -17.66 -2.39
C LYS A 346 4.50 -17.69 -3.03
N VAL A 347 5.48 -17.11 -2.34
CA VAL A 347 6.86 -17.10 -2.80
C VAL A 347 7.76 -17.55 -1.66
N ASP A 348 8.80 -18.32 -1.99
CA ASP A 348 9.78 -18.75 -1.00
C ASP A 348 10.83 -17.64 -0.82
N ASP A 349 11.93 -17.96 -0.14
CA ASP A 349 12.96 -16.97 0.13
C ASP A 349 13.72 -16.52 -1.12
N HIS A 350 13.49 -17.18 -2.25
CA HIS A 350 14.07 -16.77 -3.53
C HIS A 350 13.03 -16.16 -4.46
N HIS A 352 10.53 -17.42 -5.57
CA HIS A 352 10.11 -18.46 -6.50
C HIS A 352 8.72 -18.95 -6.11
N THR A 353 7.80 -18.95 -7.09
CA THR A 353 6.43 -19.32 -6.81
C THR A 353 6.27 -20.84 -6.84
N SER A 354 5.03 -21.29 -6.64
CA SER A 354 4.73 -22.72 -6.61
C SER A 354 5.01 -23.41 -7.95
N LEU A 355 5.03 -22.66 -9.04
CA LEU A 355 5.21 -23.25 -10.36
C LEU A 355 6.65 -23.10 -10.84
N PRO A 356 7.13 -24.03 -11.66
CA PRO A 356 8.54 -24.00 -12.07
C PRO A 356 8.88 -22.76 -12.91
N ASP A 357 10.07 -22.22 -12.67
CA ASP A 357 10.65 -21.10 -13.41
C ASP A 357 9.87 -19.80 -13.29
N ILE A 358 8.89 -19.72 -12.40
CA ILE A 358 8.05 -18.54 -12.24
C ILE A 358 8.34 -17.90 -10.89
N TYR A 359 8.66 -16.61 -10.90
CA TYR A 359 8.94 -15.83 -9.72
C TYR A 359 7.89 -14.73 -9.58
N ALA A 360 7.81 -14.15 -8.39
CA ALA A 360 6.86 -13.06 -8.15
C ALA A 360 7.48 -12.06 -7.18
N ALA A 361 7.00 -10.82 -7.28
CA ALA A 361 7.43 -9.75 -6.37
C ALA A 361 6.40 -8.64 -6.43
N GLY A 362 6.36 -7.85 -5.36
CA GLY A 362 5.45 -6.74 -5.26
C GLY A 362 4.19 -7.07 -4.49
N ASP A 363 3.14 -6.29 -4.77
CA ASP A 363 1.85 -6.48 -4.12
C ASP A 363 1.16 -7.77 -4.52
N ILE A 364 1.62 -8.44 -5.58
CA ILE A 364 0.92 -9.61 -6.11
C ILE A 364 1.30 -10.89 -5.39
N CYS A 365 2.35 -10.88 -4.57
CA CYS A 365 2.89 -12.09 -3.96
C CYS A 365 2.63 -12.11 -2.46
N THR A 366 3.01 -13.22 -1.85
CA THR A 366 2.86 -13.46 -0.42
C THR A 366 4.14 -14.10 0.07
N THR A 367 4.88 -13.38 0.91
CA THR A 367 6.10 -13.91 1.50
C THR A 367 5.76 -15.07 2.43
N SER A 368 6.20 -16.28 2.07
CA SER A 368 5.75 -17.49 2.73
C SER A 368 6.91 -18.35 3.19
N TRP A 369 7.96 -17.71 3.72
CA TRP A 369 9.01 -18.43 4.41
C TRP A 369 8.85 -18.22 5.91
N GLN A 370 9.79 -18.74 6.70
CA GLN A 370 9.78 -18.53 8.15
C GLN A 370 10.32 -17.13 8.41
N LEU A 371 9.42 -16.15 8.33
CA LEU A 371 9.80 -14.74 8.32
C LEU A 371 10.39 -14.33 9.67
N SER A 372 11.18 -13.26 9.63
CA SER A 372 11.79 -12.73 10.84
C SER A 372 10.71 -12.21 11.78
N PRO A 373 10.86 -12.41 13.10
CA PRO A 373 9.85 -11.94 14.05
C PRO A 373 9.72 -10.43 14.14
N VAL A 374 10.58 -9.68 13.45
CA VAL A 374 10.49 -8.22 13.46
C VAL A 374 10.32 -7.71 12.05
N TRP A 375 9.71 -8.51 11.18
CA TRP A 375 9.45 -8.13 9.80
C TRP A 375 8.09 -8.62 9.37
N GLN A 376 7.40 -7.81 8.56
CA GLN A 376 6.14 -8.20 7.95
C GLN A 376 6.01 -7.51 6.60
N GLN A 377 5.30 -8.16 5.69
CA GLN A 377 5.10 -7.61 4.35
C GLN A 377 3.97 -6.58 4.37
N ARG A 379 2.00 -3.23 1.72
CA ARG A 379 1.96 -2.46 0.49
C ARG A 379 2.85 -1.24 0.63
N LEU A 380 4.03 -1.27 0.00
CA LEU A 380 5.00 -0.20 0.15
C LEU A 380 5.89 -0.15 -1.08
N TRP A 381 6.26 1.08 -1.48
CA TRP A 381 7.24 1.24 -2.55
C TRP A 381 8.57 0.63 -2.16
N THR A 382 8.99 0.84 -0.91
CA THR A 382 10.26 0.31 -0.43
C THR A 382 10.32 -1.21 -0.55
N GLN A 383 9.31 -1.89 0.00
CA GLN A 383 9.27 -3.34 -0.08
C GLN A 383 9.17 -3.82 -1.52
N ALA A 384 8.39 -3.11 -2.35
CA ALA A 384 8.26 -3.50 -3.75
C ALA A 384 9.62 -3.46 -4.46
N ARG A 385 10.37 -2.38 -4.26
CA ARG A 385 11.70 -2.28 -4.87
C ARG A 385 12.59 -3.40 -4.37
N GLN A 386 12.60 -3.63 -3.06
CA GLN A 386 13.49 -4.65 -2.51
C GLN A 386 13.15 -6.03 -3.06
N GLY A 388 11.53 -6.81 -5.91
CA GLY A 388 11.90 -6.89 -7.31
C GLY A 388 13.40 -7.07 -7.49
N TRP A 389 14.19 -6.34 -6.72
CA TRP A 389 15.64 -6.46 -6.80
C TRP A 389 16.11 -7.86 -6.43
N TYR A 390 15.63 -8.38 -5.30
CA TYR A 390 16.06 -9.71 -4.86
C TYR A 390 15.58 -10.78 -5.84
N ALA A 391 14.37 -10.63 -6.38
CA ALA A 391 13.88 -11.59 -7.36
C ALA A 391 14.73 -11.60 -8.62
N ALA A 392 15.09 -10.42 -9.12
CA ALA A 392 15.92 -10.35 -10.31
C ALA A 392 17.28 -10.98 -10.06
N LYS A 393 17.89 -10.68 -8.91
CA LYS A 393 19.20 -11.25 -8.61
C LYS A 393 19.10 -12.76 -8.45
N CYS A 394 18.00 -13.25 -7.86
CA CYS A 394 17.82 -14.69 -7.71
C CYS A 394 17.64 -15.38 -9.05
N ALA A 396 18.81 -14.32 -11.91
CA ALA A 396 20.12 -14.27 -12.56
C ALA A 396 21.05 -15.33 -12.00
N ALA A 397 21.07 -15.50 -10.67
CA ALA A 397 21.95 -16.49 -10.07
C ALA A 397 21.50 -17.92 -10.37
N ALA A 398 20.18 -18.13 -10.52
CA ALA A 398 19.67 -19.46 -10.83
C ALA A 398 20.00 -19.85 -12.26
N SER A 399 19.87 -18.91 -13.21
CA SER A 399 20.23 -19.19 -14.59
C SER A 399 21.73 -19.49 -14.71
N SER A 400 22.55 -18.77 -13.96
CA SER A 400 23.99 -18.99 -13.98
C SER A 400 24.43 -20.13 -13.08
N GLY A 401 23.52 -20.70 -12.29
CA GLY A 401 23.88 -21.79 -11.39
C GLY A 401 24.86 -21.42 -10.32
N ASP A 402 24.80 -20.18 -9.83
CA ASP A 402 25.69 -19.73 -8.77
C ASP A 402 25.22 -20.17 -7.38
N SER A 403 23.98 -20.64 -7.27
CA SER A 403 23.43 -21.18 -6.02
C SER A 403 23.56 -20.16 -4.88
N ILE A 404 22.92 -19.01 -5.07
CA ILE A 404 22.88 -18.00 -4.02
C ILE A 404 22.16 -18.55 -2.79
N ASP A 405 22.85 -18.55 -1.64
CA ASP A 405 22.26 -19.16 -0.41
C ASP A 405 21.97 -18.09 0.65
N ASP A 407 20.12 -16.30 3.20
CA ASP A 407 18.94 -16.46 4.03
C ASP A 407 18.68 -15.28 4.94
N PHE A 408 19.53 -14.25 4.89
CA PHE A 408 19.39 -13.06 5.72
C PHE A 408 18.42 -12.04 5.12
N SER A 409 17.83 -12.34 3.96
CA SER A 409 17.34 -11.32 3.02
C SER A 409 16.61 -10.15 3.70
N PHE A 410 15.51 -10.41 4.36
CA PHE A 410 14.73 -9.38 5.02
C PHE A 410 14.86 -9.54 6.53
N GLU A 411 15.45 -8.53 7.19
CA GLU A 411 15.77 -8.61 8.61
C GLU A 411 14.75 -7.88 9.47
N LEU A 412 14.58 -6.58 9.23
CA LEU A 412 13.78 -5.72 10.10
C LEU A 412 12.85 -4.87 9.25
N PHE A 413 11.58 -4.81 9.66
CA PHE A 413 10.63 -3.91 9.01
C PHE A 413 10.98 -2.46 9.34
N ALA A 414 10.88 -1.59 8.35
CA ALA A 414 11.11 -0.16 8.58
C ALA A 414 10.37 0.64 7.52
N HIS A 415 9.88 1.81 7.94
CA HIS A 415 9.19 2.71 7.02
C HIS A 415 9.38 4.14 7.52
N VAL A 416 9.54 5.07 6.58
CA VAL A 416 9.81 6.47 6.88
C VAL A 416 8.92 7.35 6.01
N THR A 417 8.27 8.33 6.64
CA THR A 417 7.34 9.23 5.94
C THR A 417 7.25 10.53 6.72
N LYS A 418 6.48 11.48 6.20
CA LYS A 418 6.08 12.68 6.93
C LYS A 418 4.59 12.90 6.66
N PHE A 419 3.76 12.79 7.71
CA PHE A 419 2.32 12.85 7.50
C PHE A 419 1.77 14.27 7.72
N PHE A 420 1.73 14.73 8.97
CA PHE A 420 1.29 16.08 9.30
C PHE A 420 2.48 16.97 9.66
N ASN A 421 3.39 17.08 8.70
CA ASN A 421 4.66 17.77 8.91
C ASN A 421 5.48 17.16 10.05
N TYR A 422 5.19 15.90 10.39
CA TYR A 422 5.91 15.19 11.44
C TYR A 422 6.72 14.07 10.81
N LYS A 423 8.00 13.97 11.17
CA LYS A 423 8.81 12.84 10.75
C LYS A 423 8.30 11.58 11.43
N VAL A 424 7.92 10.58 10.63
CA VAL A 424 7.33 9.35 11.12
C VAL A 424 8.24 8.19 10.72
N VAL A 425 8.64 7.40 11.71
CA VAL A 425 9.49 6.22 11.50
C VAL A 425 8.85 5.04 12.22
N LEU A 426 8.62 3.95 11.48
CA LEU A 426 8.05 2.74 12.03
C LEU A 426 9.08 1.62 11.91
N LEU A 427 9.32 0.91 13.00
CA LEU A 427 10.29 -0.18 13.02
C LEU A 427 9.64 -1.45 13.56
N GLY A 428 9.91 -2.57 12.91
CA GLY A 428 9.52 -3.87 13.42
C GLY A 428 8.01 -4.01 13.60
N LYS A 429 7.63 -4.73 14.65
CA LYS A 429 6.22 -4.87 15.02
C LYS A 429 5.77 -3.58 15.70
N TYR A 430 5.67 -2.52 14.89
CA TYR A 430 5.42 -1.18 15.43
C TYR A 430 4.05 -1.08 16.10
N ASN A 431 3.10 -1.92 15.73
CA ASN A 431 1.79 -1.98 16.40
C ASN A 431 1.58 -3.32 17.08
N ALA A 432 2.67 -3.98 17.49
CA ALA A 432 2.60 -5.29 18.14
C ALA A 432 1.83 -6.29 17.30
N GLN A 433 2.05 -6.26 15.98
CA GLN A 433 1.34 -7.15 15.07
C GLN A 433 1.70 -8.60 15.36
N GLY A 434 0.68 -9.42 15.58
CA GLY A 434 0.85 -10.86 15.81
C GLY A 434 1.15 -11.25 17.24
N LEU A 435 2.03 -10.49 17.89
CA LEU A 435 2.47 -10.80 19.26
C LEU A 435 1.38 -10.37 20.25
N GLY A 436 0.25 -11.08 20.22
CA GLY A 436 -0.91 -10.62 20.98
C GLY A 436 -0.86 -10.92 22.47
N SER A 437 -1.30 -9.93 23.27
CA SER A 437 -1.59 -10.04 24.72
C SER A 437 -0.37 -10.25 25.62
N ASP A 438 0.72 -10.76 25.01
CA ASP A 438 1.94 -11.09 25.75
C ASP A 438 3.08 -10.19 25.24
N HIS A 439 2.90 -8.90 25.53
CA HIS A 439 3.79 -7.86 25.05
C HIS A 439 3.70 -6.68 26.01
N GLU A 440 4.85 -6.09 26.31
CA GLU A 440 4.95 -4.90 27.14
C GLU A 440 4.98 -3.68 26.24
N LEU A 441 4.37 -2.59 26.70
CA LEU A 441 4.27 -1.38 25.89
C LEU A 441 4.70 -0.18 26.72
N LEU A 443 5.63 4.19 26.56
CA LEU A 443 5.20 5.34 25.78
C LEU A 443 5.67 6.63 26.45
N ARG A 444 6.21 7.54 25.65
CA ARG A 444 6.49 8.90 26.06
C ARG A 444 5.88 9.83 25.02
N CYS A 445 5.36 10.97 25.48
CA CYS A 445 4.69 11.87 24.57
C CYS A 445 4.86 13.30 25.04
N THR A 446 4.85 14.23 24.08
CA THR A 446 4.82 15.66 24.34
C THR A 446 3.92 16.27 23.27
N LYS A 447 2.76 16.78 23.68
CA LYS A 447 1.74 17.17 22.72
C LYS A 447 2.26 18.24 21.76
N GLY A 448 2.11 17.97 20.47
CA GLY A 448 2.62 18.83 19.43
C GLY A 448 4.10 18.68 19.16
N ARG A 449 4.83 17.91 19.96
CA ARG A 449 6.28 17.79 19.82
C ARG A 449 6.73 16.38 19.48
N GLU A 450 6.40 15.38 20.29
CA GLU A 450 7.04 14.07 20.16
C GLU A 450 6.08 12.95 20.53
N TYR A 451 6.26 11.82 19.87
CA TYR A 451 5.55 10.58 20.18
C TYR A 451 6.56 9.44 20.09
N ILE A 452 6.78 8.73 21.18
CA ILE A 452 7.74 7.63 21.23
C ILE A 452 7.02 6.44 21.85
N LYS A 453 6.58 5.51 21.00
CA LYS A 453 5.97 4.27 21.44
C LYS A 453 6.96 3.13 21.25
N VAL A 454 7.04 2.23 22.24
CA VAL A 454 8.00 1.14 22.23
C VAL A 454 7.29 -0.16 22.58
N VAL A 455 7.47 -1.18 21.74
CA VAL A 455 6.89 -2.51 21.94
C VAL A 455 8.01 -3.46 22.33
N GLN A 457 9.10 -7.52 24.32
CA GLN A 457 8.69 -8.87 24.68
C GLN A 457 9.93 -9.62 25.12
N ASN A 458 9.84 -10.30 26.26
CA ASN A 458 10.96 -11.05 26.83
C ASN A 458 12.21 -10.20 26.97
N GLY A 459 12.03 -8.94 27.37
CA GLY A 459 13.14 -8.01 27.48
C GLY A 459 13.69 -7.50 26.17
N ARG A 460 13.35 -8.11 25.04
CA ARG A 460 13.87 -7.72 23.74
C ARG A 460 12.87 -6.82 23.02
N GLY A 463 9.49 -3.60 18.26
CA GLY A 463 9.01 -2.59 17.35
C GLY A 463 8.89 -1.24 18.03
N ALA A 464 8.73 -0.21 17.21
CA ALA A 464 8.65 1.15 17.71
C ALA A 464 7.99 2.07 16.69
N VAL A 465 7.38 3.14 17.21
CA VAL A 465 6.83 4.22 16.41
C VAL A 465 7.46 5.51 16.91
N LEU A 466 8.08 6.27 16.01
CA LEU A 466 8.74 7.53 16.33
C LEU A 466 8.13 8.62 15.47
N ILE A 467 7.24 9.41 16.05
CA ILE A 467 6.60 10.52 15.36
C ILE A 467 7.18 11.82 15.90
N GLY A 468 7.51 12.73 14.99
CA GLY A 468 8.23 13.93 15.33
C GLY A 468 9.74 13.69 15.31
N GLU A 469 10.48 14.79 15.40
CA GLU A 469 11.93 14.73 15.28
C GLU A 469 12.53 14.24 16.60
N THR A 470 12.54 12.92 16.76
CA THR A 470 13.31 12.28 17.82
C THR A 470 14.72 12.01 17.31
N ASP A 471 15.52 11.35 18.15
CA ASP A 471 16.83 10.87 17.71
C ASP A 471 17.09 9.47 18.24
N LEU A 472 16.04 8.69 18.43
CA LEU A 472 16.15 7.29 18.79
C LEU A 472 16.13 6.37 17.57
N GLU A 473 16.21 6.94 16.36
CA GLU A 473 16.04 6.15 15.15
C GLU A 473 17.14 5.10 14.99
N GLU A 474 18.39 5.56 14.92
CA GLU A 474 19.51 4.64 14.71
C GLU A 474 19.66 3.66 15.87
N THR A 475 19.58 4.17 17.10
CA THR A 475 19.74 3.32 18.27
C THR A 475 18.63 2.27 18.34
N PHE A 476 17.40 2.67 18.04
CA PHE A 476 16.28 1.73 18.05
C PHE A 476 16.43 0.67 16.97
N GLU A 477 16.87 1.07 15.78
CA GLU A 477 17.16 0.09 14.73
C GLU A 477 18.18 -0.94 15.22
N ASN A 478 19.28 -0.46 15.80
CA ASN A 478 20.30 -1.36 16.33
C ASN A 478 19.74 -2.27 17.42
N LEU A 479 18.93 -1.71 18.32
CA LEU A 479 18.41 -2.49 19.44
C LEU A 479 17.46 -3.58 18.98
N ILE A 480 16.56 -3.26 18.04
CA ILE A 480 15.65 -4.27 17.53
C ILE A 480 16.42 -5.37 16.80
N LEU A 481 17.42 -4.99 16.00
CA LEU A 481 18.19 -6.01 15.28
C LEU A 481 18.98 -6.89 16.25
N ASN A 482 19.52 -6.31 17.33
CA ASN A 482 20.30 -7.09 18.27
C ASN A 482 19.42 -8.05 19.07
N GLN A 483 18.30 -7.56 19.59
CA GLN A 483 17.38 -8.35 20.41
C GLN A 483 18.10 -9.00 21.59
N ASN A 485 18.52 -9.20 25.93
CA ASN A 485 17.58 -9.21 27.04
C ASN A 485 17.71 -7.95 27.87
N LEU A 486 17.18 -6.84 27.37
CA LEU A 486 17.28 -5.54 28.03
C LEU A 486 16.23 -5.42 29.14
N SER A 487 16.25 -6.38 30.06
CA SER A 487 15.37 -6.35 31.22
C SER A 487 15.85 -5.40 32.30
N SER A 488 17.04 -4.82 32.14
CA SER A 488 17.61 -3.95 33.16
C SER A 488 17.09 -2.51 33.01
N TYR A 489 17.20 -1.94 31.81
CA TYR A 489 16.77 -0.56 31.60
C TYR A 489 15.27 -0.43 31.74
N GLY A 490 14.83 0.62 32.43
CA GLY A 490 13.42 0.91 32.57
C GLY A 490 12.95 1.95 31.59
N GLU A 491 12.57 3.13 32.10
CA GLU A 491 12.19 4.23 31.22
C GLU A 491 13.39 4.92 30.58
N ASP A 492 14.61 4.39 30.78
CA ASP A 492 15.78 4.96 30.13
C ASP A 492 15.67 4.89 28.61
N LEU A 493 14.97 3.88 28.10
CA LEU A 493 14.95 3.63 26.65
C LEU A 493 14.26 4.74 25.87
N LEU A 494 13.50 5.60 26.55
CA LEU A 494 12.72 6.64 25.87
C LEU A 494 13.43 7.98 25.80
N ASP A 495 14.68 8.07 26.26
CA ASP A 495 15.40 9.34 26.25
C ASP A 495 16.89 9.08 26.11
N PRO A 496 17.59 9.85 25.26
CA PRO A 496 19.03 9.72 25.06
C PRO A 496 19.83 9.97 26.34
#